data_7RCG
#
_entry.id   7RCG
#
_cell.length_a   45.195
_cell.length_b   64.903
_cell.length_c   165.063
_cell.angle_alpha   90.000
_cell.angle_beta   90.000
_cell.angle_gamma   90.000
#
_symmetry.space_group_name_H-M   'P 21 21 21'
#
loop_
_entity.id
_entity.type
_entity.pdbx_description
1 polymer I-OnuI_e-hPD1-f
2 polymer 'DNA (26-MER)'
3 polymer 'DNA (26-MER)'
4 non-polymer 'CALCIUM ION'
5 non-polymer 'CHLORIDE ION'
6 non-polymer 'SODIUM ION'
7 water water
#
loop_
_entity_poly.entity_id
_entity_poly.type
_entity_poly.pdbx_seq_one_letter_code
_entity_poly.pdbx_strand_id
1 'polypeptide(L)'
;MASSRRESINPWTLTGFADAEGSFGLSILNRNRGTARYHTRLSFTIMLHNKDKSILENIQSTWKVGSILNNGDHYVSLVV
YAFEDLKVIIDHFEKYPLITQKLGDYKLFKQAFSVMENKEHLKENGIKELVRIKAKMNWGLNDELKKAFPEVISRERPLI
NKNIPNGKWLAGFTSGDGSFFVRLRKSNVNARVRVQLVFEISQHIRDKNLMNSLITYLGCGHIYEGNKSERSWLQFRVEK
FSDINDKIIPVFQENTLIGMKLEDFEDWCKVAKLIEEKKHLTESGLDEIKKIKLNMNKRR
;
A
2 'polydeoxyribonucleotide'
;(DG)(DG)(DG)(DG)(DG)(DC)(DA)(DT)(DG)(DC)(DA)(DG)(DA)(DT)(DC)(DC)(DC)(DA)(DC)(DA)
(DG)(DG)(DC)(DG)(DC)(DG)
;
B
3 'polydeoxyribonucleotide'
;(DC)(DC)(DG)(DC)(DG)(DC)(DC)(DT)(DG)(DT)(DG)(DG)(DG)(DA)(DT)(DC)(DT)(DG)(DC)(DA)
(DT)(DG)(DC)(DC)(DC)(DC)
;
C
#
loop_
_chem_comp.id
_chem_comp.type
_chem_comp.name
_chem_comp.formula
CA non-polymer 'CALCIUM ION' 'Ca 2'
CL non-polymer 'CHLORIDE ION' 'Cl -1'
DA DNA linking 2'-DEOXYADENOSINE-5'-MONOPHOSPHATE 'C10 H14 N5 O6 P'
DC DNA linking 2'-DEOXYCYTIDINE-5'-MONOPHOSPHATE 'C9 H14 N3 O7 P'
DG DNA linking 2'-DEOXYGUANOSINE-5'-MONOPHOSPHATE 'C10 H14 N5 O7 P'
DT DNA linking THYMIDINE-5'-MONOPHOSPHATE 'C10 H15 N2 O8 P'
NA non-polymer 'SODIUM ION' 'Na 1'
#
# COMPACT_ATOMS: atom_id res chain seq x y z
N ARG A 5 11.78 -10.06 17.35
CA ARG A 5 12.57 -8.87 17.64
C ARG A 5 11.72 -7.60 17.59
N ARG A 6 12.24 -6.54 18.21
CA ARG A 6 11.50 -5.28 18.31
C ARG A 6 11.21 -4.67 16.95
N GLU A 7 11.97 -5.02 15.91
CA GLU A 7 11.80 -4.49 14.57
C GLU A 7 10.87 -5.34 13.71
N SER A 8 10.26 -6.38 14.26
CA SER A 8 9.40 -7.25 13.48
C SER A 8 8.05 -6.57 13.24
N ILE A 9 7.50 -6.79 12.04
CA ILE A 9 6.24 -6.20 11.64
C ILE A 9 5.17 -7.28 11.62
N ASN A 10 4.03 -7.00 12.23
CA ASN A 10 2.91 -7.93 12.23
C ASN A 10 2.62 -8.38 10.79
N PRO A 11 2.44 -9.68 10.55
CA PRO A 11 2.31 -10.15 9.16
C PRO A 11 1.07 -9.60 8.44
N TRP A 12 -0.01 -9.32 9.17
CA TRP A 12 -1.16 -8.67 8.52
C TRP A 12 -0.86 -7.21 8.22
N THR A 13 -0.20 -6.53 9.14
CA THR A 13 0.22 -5.15 8.88
C THR A 13 1.14 -5.08 7.67
N LEU A 14 2.00 -6.08 7.50
CA LEU A 14 2.87 -6.13 6.34
C LEU A 14 2.05 -6.31 5.06
N THR A 15 1.05 -7.19 5.09
CA THR A 15 0.21 -7.40 3.92
C THR A 15 -0.57 -6.12 3.60
N GLY A 16 -1.07 -5.44 4.62
CA GLY A 16 -1.79 -4.19 4.39
C GLY A 16 -0.89 -3.14 3.78
N PHE A 17 0.35 -3.02 4.28
CA PHE A 17 1.29 -2.10 3.66
C PHE A 17 1.60 -2.51 2.23
N ALA A 18 1.67 -3.82 1.97
CA ALA A 18 1.89 -4.28 0.60
C ALA A 18 0.73 -3.89 -0.30
N ASP A 19 -0.51 -4.09 0.17
CA ASP A 19 -1.69 -3.65 -0.58
C ASP A 19 -1.61 -2.17 -0.94
N ALA A 20 -0.95 -1.37 -0.11
CA ALA A 20 -0.86 0.07 -0.35
C ALA A 20 0.26 0.45 -1.31
N GLU A 21 1.47 -0.07 -1.06
CA GLU A 21 2.67 0.43 -1.71
C GLU A 21 3.42 -0.58 -2.55
N GLY A 22 3.11 -1.88 -2.41
CA GLY A 22 3.85 -2.91 -3.10
C GLY A 22 3.52 -3.01 -4.57
N SER A 23 4.30 -3.85 -5.26
CA SER A 23 4.08 -4.04 -6.69
C SER A 23 4.68 -5.37 -7.11
N PHE A 24 3.88 -6.16 -7.83
CA PHE A 24 4.31 -7.45 -8.36
C PHE A 24 4.63 -7.28 -9.83
N GLY A 25 5.87 -7.57 -10.20
CA GLY A 25 6.35 -7.31 -11.54
C GLY A 25 6.72 -8.59 -12.25
N LEU A 26 6.51 -8.60 -13.56
CA LEU A 26 6.96 -9.69 -14.42
C LEU A 26 7.60 -9.03 -15.64
N SER A 27 8.92 -9.02 -15.66
CA SER A 27 9.69 -8.38 -16.72
C SER A 27 10.04 -9.44 -17.77
N ILE A 28 9.75 -9.16 -19.02
CA ILE A 28 10.04 -10.06 -20.14
C ILE A 28 10.68 -9.20 -21.23
N LEU A 29 12.01 -9.23 -21.30
CA LEU A 29 12.77 -8.33 -22.15
C LEU A 29 13.65 -9.13 -23.11
N ASN A 30 13.81 -8.60 -24.32
CA ASN A 30 14.65 -9.25 -25.32
C ASN A 30 16.09 -9.32 -24.83
N ARG A 31 16.69 -10.52 -24.94
CA ARG A 31 18.09 -10.68 -24.62
C ARG A 31 18.95 -10.47 -25.87
N ARG A 33 20.81 -9.94 -28.76
CA ARG A 33 21.97 -10.83 -28.66
C ARG A 33 21.64 -12.20 -29.26
N GLY A 34 21.73 -13.24 -28.43
CA GLY A 34 21.39 -14.58 -28.89
C GLY A 34 19.99 -14.63 -29.46
N THR A 35 19.81 -15.48 -30.47
CA THR A 35 18.59 -15.48 -31.28
C THR A 35 17.33 -15.72 -30.45
N ALA A 36 16.50 -14.69 -30.32
CA ALA A 36 15.15 -14.80 -29.77
C ALA A 36 15.15 -15.34 -28.33
N ARG A 37 16.05 -14.81 -27.51
CA ARG A 37 16.12 -15.15 -26.10
C ARG A 37 15.58 -14.01 -25.26
N TYR A 38 15.08 -14.34 -24.07
CA TYR A 38 14.38 -13.39 -23.23
C TYR A 38 14.94 -13.39 -21.82
N HIS A 39 15.10 -12.19 -21.27
CA HIS A 39 15.21 -12.02 -19.83
C HIS A 39 13.81 -12.16 -19.22
N THR A 40 13.68 -13.02 -18.22
CA THR A 40 12.42 -13.21 -17.50
C THR A 40 12.66 -12.93 -16.03
N ARG A 41 12.03 -11.88 -15.50
CA ARG A 41 12.31 -11.42 -14.15
C ARG A 41 11.00 -11.20 -13.39
N LEU A 42 10.82 -11.99 -12.34
CA LEU A 42 9.72 -11.85 -11.41
C LEU A 42 10.20 -11.04 -10.21
N SER A 43 9.36 -10.16 -9.69
CA SER A 43 9.78 -9.31 -8.59
C SER A 43 8.59 -8.86 -7.75
N PHE A 44 8.88 -8.57 -6.48
CA PHE A 44 8.01 -7.79 -5.63
C PHE A 44 8.81 -6.59 -5.12
N THR A 45 8.19 -5.41 -5.15
CA THR A 45 8.90 -4.18 -4.87
C THR A 45 8.05 -3.24 -4.04
N ILE A 46 8.69 -2.56 -3.09
CA ILE A 46 8.15 -1.40 -2.40
C ILE A 46 9.20 -0.29 -2.49
N MET A 47 8.82 0.86 -3.02
CA MET A 47 9.71 2.02 -3.09
C MET A 47 9.11 3.14 -2.27
N LEU A 48 9.91 3.72 -1.37
CA LEU A 48 9.47 4.78 -0.48
C LEU A 48 10.46 5.94 -0.50
N HIS A 49 10.02 7.07 0.03
CA HIS A 49 10.94 8.13 0.40
C HIS A 49 11.93 7.60 1.43
N ASN A 50 13.20 8.00 1.31
CA ASN A 50 14.19 7.42 2.22
C ASN A 50 13.97 7.83 3.67
N LYS A 51 13.07 8.77 3.95
CA LYS A 51 12.68 9.02 5.34
C LYS A 51 11.97 7.83 5.96
N ASP A 52 11.57 6.84 5.18
CA ASP A 52 10.88 5.65 5.66
C ASP A 52 11.68 4.40 5.33
N LYS A 53 13.00 4.54 5.21
CA LYS A 53 13.86 3.38 4.98
C LYS A 53 13.71 2.34 6.08
N SER A 54 13.42 2.78 7.31
CA SER A 54 13.24 1.84 8.41
C SER A 54 12.10 0.87 8.14
N ILE A 55 11.05 1.32 7.45
CA ILE A 55 9.98 0.40 7.07
C ILE A 55 10.55 -0.75 6.26
N LEU A 56 11.32 -0.43 5.22
CA LEU A 56 11.86 -1.47 4.35
C LEU A 56 12.81 -2.39 5.10
N GLU A 57 13.61 -1.82 6.00
CA GLU A 57 14.52 -2.65 6.79
C GLU A 57 13.75 -3.59 7.72
N ASN A 58 12.67 -3.09 8.33
CA ASN A 58 11.87 -3.93 9.19
C ASN A 58 11.16 -5.03 8.41
N ILE A 59 10.70 -4.73 7.19
CA ILE A 59 10.11 -5.74 6.33
C ILE A 59 11.17 -6.77 5.93
N GLN A 60 12.35 -6.30 5.52
CA GLN A 60 13.43 -7.23 5.19
C GLN A 60 13.82 -8.08 6.39
N SER A 61 13.78 -7.49 7.59
CA SER A 61 14.12 -8.24 8.79
C SER A 61 13.03 -9.26 9.13
N THR A 62 11.77 -8.92 8.90
CA THR A 62 10.69 -9.87 9.15
C THR A 62 10.75 -11.05 8.19
N TRP A 63 10.99 -10.79 6.90
CA TRP A 63 10.97 -11.82 5.86
C TRP A 63 12.30 -12.53 5.69
N LYS A 64 13.40 -11.83 5.96
CA LYS A 64 14.77 -12.33 5.82
C LYS A 64 15.17 -12.52 4.36
N VAL A 65 14.48 -11.87 3.43
CA VAL A 65 14.83 -11.88 2.01
C VAL A 65 14.73 -10.46 1.48
N GLY A 66 15.23 -10.26 0.26
CA GLY A 66 15.16 -8.98 -0.39
C GLY A 66 16.42 -8.14 -0.19
N SER A 67 16.61 -7.19 -1.10
CA SER A 67 17.75 -6.28 -1.06
C SER A 67 17.24 -4.85 -1.13
N ILE A 68 17.76 -4.00 -0.26
CA ILE A 68 17.41 -2.59 -0.22
C ILE A 68 18.38 -1.83 -1.10
N LEU A 69 17.85 -0.96 -1.98
CA LEU A 69 18.66 -0.17 -2.88
C LEU A 69 18.20 1.28 -2.87
N ASN A 70 19.12 2.18 -3.20
CA ASN A 70 18.77 3.57 -3.42
C ASN A 70 18.17 3.76 -4.81
N ASN A 71 17.24 4.71 -4.92
CA ASN A 71 16.71 5.16 -6.20
C ASN A 71 16.76 6.69 -6.20
N GLY A 72 17.69 7.26 -6.97
CA GLY A 72 17.91 8.69 -6.82
C GLY A 72 18.50 9.02 -5.46
N ASP A 73 18.38 10.29 -5.07
CA ASP A 73 18.87 10.76 -3.79
C ASP A 73 17.77 10.85 -2.73
N HIS A 74 16.52 10.67 -3.11
CA HIS A 74 15.41 10.81 -2.18
C HIS A 74 14.67 9.51 -1.91
N TYR A 75 14.96 8.43 -2.64
CA TYR A 75 14.12 7.25 -2.59
C TYR A 75 14.94 5.99 -2.36
N VAL A 76 14.24 4.99 -1.85
CA VAL A 76 14.82 3.71 -1.46
C VAL A 76 13.78 2.63 -1.70
N SER A 77 14.22 1.46 -2.16
CA SER A 77 13.29 0.40 -2.48
C SER A 77 13.79 -0.94 -1.96
N LEU A 78 12.83 -1.78 -1.56
CA LEU A 78 13.08 -3.17 -1.24
C LEU A 78 12.62 -4.01 -2.43
N VAL A 79 13.54 -4.78 -2.99
CA VAL A 79 13.25 -5.63 -4.14
C VAL A 79 13.51 -7.08 -3.75
N VAL A 80 12.51 -7.94 -3.93
CA VAL A 80 12.65 -9.39 -3.79
C VAL A 80 12.54 -9.97 -5.20
N TYR A 81 13.55 -10.74 -5.60
CA TYR A 81 13.64 -11.17 -7.00
C TYR A 81 14.21 -12.57 -7.15
N ALA A 82 15.14 -12.94 -6.27
CA ALA A 82 15.81 -14.24 -6.38
C ALA A 82 14.82 -15.37 -6.17
N PHE A 83 15.04 -16.46 -6.91
CA PHE A 83 14.06 -17.56 -7.00
C PHE A 83 13.64 -18.06 -5.63
N GLU A 84 14.60 -18.39 -4.76
CA GLU A 84 14.25 -18.92 -3.45
C GLU A 84 13.63 -17.85 -2.56
N ASP A 85 14.02 -16.59 -2.74
CA ASP A 85 13.41 -15.51 -1.98
C ASP A 85 11.93 -15.36 -2.30
N LEU A 86 11.53 -15.64 -3.54
CA LEU A 86 10.12 -15.52 -3.91
C LEU A 86 9.25 -16.52 -3.16
N LYS A 87 9.78 -17.72 -2.89
CA LYS A 87 9.03 -18.71 -2.12
C LYS A 87 8.62 -18.17 -0.75
N VAL A 88 9.46 -17.34 -0.14
CA VAL A 88 9.09 -16.73 1.14
C VAL A 88 8.00 -15.68 0.95
N ILE A 89 8.08 -14.93 -0.15
CA ILE A 89 7.00 -13.99 -0.47
C ILE A 89 5.70 -14.75 -0.67
N ILE A 90 5.74 -15.80 -1.48
CA ILE A 90 4.53 -16.56 -1.80
C ILE A 90 3.96 -17.19 -0.54
N ASP A 91 4.82 -17.76 0.31
CA ASP A 91 4.31 -18.39 1.52
C ASP A 91 3.63 -17.38 2.43
N HIS A 92 4.20 -16.17 2.56
CA HIS A 92 3.54 -15.16 3.38
C HIS A 92 2.18 -14.79 2.79
N PHE A 93 2.13 -14.52 1.49
CA PHE A 93 0.89 -14.01 0.93
C PHE A 93 -0.16 -15.10 0.74
N GLU A 94 0.25 -16.37 0.65
CA GLU A 94 -0.73 -17.45 0.74
C GLU A 94 -1.44 -17.43 2.09
N LYS A 95 -0.69 -17.09 3.15
CA LYS A 95 -1.22 -17.16 4.51
C LYS A 95 -1.79 -15.84 5.00
N TYR A 96 -1.33 -14.71 4.47
CA TYR A 96 -1.80 -13.39 4.88
C TYR A 96 -2.21 -12.62 3.63
N PRO A 97 -3.31 -13.02 3.00
CA PRO A 97 -3.57 -12.60 1.62
C PRO A 97 -3.93 -11.12 1.49
N LEU A 98 -3.55 -10.55 0.34
CA LEU A 98 -3.92 -9.20 -0.04
C LEU A 98 -5.42 -9.11 -0.30
N ILE A 99 -5.97 -7.91 -0.15
CA ILE A 99 -7.42 -7.78 -0.30
C ILE A 99 -7.82 -6.69 -1.30
N THR A 100 -6.87 -5.91 -1.81
CA THR A 100 -7.19 -4.97 -2.88
C THR A 100 -7.10 -5.69 -4.21
N GLN A 101 -7.26 -4.95 -5.31
CA GLN A 101 -7.13 -5.54 -6.64
C GLN A 101 -5.74 -6.14 -6.87
N LYS A 102 -4.74 -5.71 -6.10
CA LYS A 102 -3.40 -6.27 -6.23
C LYS A 102 -3.36 -7.77 -5.92
N LEU A 103 -4.39 -8.31 -5.27
CA LEU A 103 -4.48 -9.76 -5.13
C LEU A 103 -4.43 -10.43 -6.50
N GLY A 104 -5.13 -9.85 -7.48
CA GLY A 104 -5.06 -10.39 -8.82
C GLY A 104 -3.65 -10.42 -9.36
N ASP A 105 -2.88 -9.35 -9.13
CA ASP A 105 -1.52 -9.29 -9.64
C ASP A 105 -0.63 -10.31 -8.92
N TYR A 106 -0.81 -10.47 -7.61
CA TYR A 106 -0.04 -11.49 -6.89
C TYR A 106 -0.34 -12.89 -7.43
N LYS A 107 -1.62 -13.18 -7.68
CA LYS A 107 -1.99 -14.53 -8.11
C LYS A 107 -1.45 -14.84 -9.51
N LEU A 108 -1.43 -13.86 -10.41
CA LEU A 108 -0.74 -14.03 -11.68
C LEU A 108 0.77 -14.14 -11.46
N PHE A 109 1.30 -13.36 -10.52
CA PHE A 109 2.71 -13.46 -10.17
C PHE A 109 3.04 -14.85 -9.63
N LYS A 110 2.17 -15.37 -8.76
CA LYS A 110 2.34 -16.74 -8.26
C LYS A 110 2.21 -17.75 -9.39
N GLN A 111 1.31 -17.47 -10.35
CA GLN A 111 1.14 -18.37 -11.46
C GLN A 111 2.37 -18.39 -12.37
N ALA A 112 2.96 -17.21 -12.61
CA ALA A 112 4.19 -17.17 -13.38
C ALA A 112 5.32 -17.90 -12.65
N PHE A 113 5.36 -17.78 -11.32
CA PHE A 113 6.39 -18.45 -10.55
C PHE A 113 6.34 -19.96 -10.77
N SER A 114 5.14 -20.53 -10.68
CA SER A 114 5.01 -21.97 -10.88
C SER A 114 5.42 -22.38 -12.28
N VAL A 115 5.12 -21.55 -13.27
CA VAL A 115 5.55 -21.82 -14.64
C VAL A 115 7.07 -21.88 -14.72
N MET A 116 7.75 -20.94 -14.03
CA MET A 116 9.20 -20.88 -14.11
C MET A 116 9.85 -21.94 -13.22
N GLU A 117 9.25 -22.26 -12.07
CA GLU A 117 9.77 -23.33 -11.24
C GLU A 117 9.72 -24.67 -11.97
N ASN A 118 8.70 -24.90 -12.78
CA ASN A 118 8.58 -26.10 -13.60
C ASN A 118 9.45 -26.06 -14.85
N LYS A 119 10.20 -24.98 -15.06
CA LYS A 119 11.03 -24.77 -16.24
C LYS A 119 10.23 -24.73 -17.54
N GLU A 120 8.92 -24.51 -17.46
CA GLU A 120 8.10 -24.49 -18.66
C GLU A 120 8.42 -23.31 -19.58
N HIS A 121 9.01 -22.24 -19.04
CA HIS A 121 9.37 -21.09 -19.86
C HIS A 121 10.62 -21.31 -20.69
N LEU A 122 11.22 -22.50 -20.62
CA LEU A 122 12.34 -22.85 -21.49
C LEU A 122 11.92 -23.67 -22.69
N LYS A 123 10.76 -24.32 -22.64
CA LYS A 123 10.28 -25.13 -23.75
C LYS A 123 9.91 -24.23 -24.94
N GLU A 124 9.71 -24.89 -26.09
CA GLU A 124 9.48 -24.15 -27.34
C GLU A 124 8.27 -23.22 -27.22
N ASN A 125 7.17 -23.70 -26.66
CA ASN A 125 5.99 -22.88 -26.48
C ASN A 125 5.76 -22.57 -25.00
N GLY A 126 6.69 -21.86 -24.37
CA GLY A 126 6.59 -21.60 -22.95
C GLY A 126 6.65 -20.13 -22.59
N ILE A 127 7.43 -19.35 -23.36
CA ILE A 127 7.48 -17.91 -23.14
C ILE A 127 6.12 -17.28 -23.40
N LYS A 128 5.40 -17.80 -24.40
CA LYS A 128 4.06 -17.30 -24.69
C LYS A 128 3.15 -17.37 -23.46
N GLU A 129 3.32 -18.41 -22.63
CA GLU A 129 2.51 -18.49 -21.42
C GLU A 129 2.86 -17.37 -20.44
N LEU A 130 4.16 -17.07 -20.29
CA LEU A 130 4.55 -15.93 -19.47
C LEU A 130 3.95 -14.64 -20.02
N VAL A 131 3.98 -14.46 -21.34
CA VAL A 131 3.41 -13.26 -21.94
C VAL A 131 1.93 -13.17 -21.65
N ARG A 132 1.21 -14.30 -21.77
CA ARG A 132 -0.22 -14.32 -21.45
C ARG A 132 -0.47 -13.90 -20.00
N ILE A 133 0.35 -14.40 -19.07
CA ILE A 133 0.22 -13.99 -17.67
C ILE A 133 0.51 -12.50 -17.52
N LYS A 134 1.62 -12.04 -18.12
CA LYS A 134 2.02 -10.64 -17.99
C LYS A 134 0.93 -9.71 -18.49
N ALA A 135 0.30 -10.05 -19.62
CA ALA A 135 -0.73 -9.18 -20.19
C ALA A 135 -1.86 -8.90 -19.20
N LYS A 136 -2.17 -9.85 -18.31
CA LYS A 136 -3.20 -9.64 -17.31
C LYS A 136 -2.72 -8.86 -16.10
N MET A 137 -1.41 -8.71 -15.94
CA MET A 137 -0.85 -8.02 -14.78
C MET A 137 -0.75 -6.53 -15.02
N ASN A 138 -1.03 -5.75 -13.98
CA ASN A 138 -0.74 -4.32 -13.96
C ASN A 138 -1.17 -3.62 -15.24
N TRP A 139 -0.22 -3.07 -15.99
CA TRP A 139 -0.52 -2.30 -17.19
C TRP A 139 -0.40 -3.11 -18.47
N GLY A 140 -0.26 -4.43 -18.36
CA GLY A 140 -0.25 -5.28 -19.53
C GLY A 140 1.02 -5.14 -20.36
N LEU A 141 0.91 -5.55 -21.63
CA LEU A 141 2.08 -5.64 -22.49
C LEU A 141 2.48 -4.28 -23.07
N ASN A 142 3.78 -4.13 -23.31
CA ASN A 142 4.24 -2.98 -24.08
C ASN A 142 4.04 -3.25 -25.57
N ASP A 143 4.30 -2.22 -26.37
CA ASP A 143 4.12 -2.34 -27.81
C ASP A 143 4.98 -3.46 -28.39
N GLU A 144 6.26 -3.52 -27.99
CA GLU A 144 7.17 -4.49 -28.57
C GLU A 144 6.68 -5.93 -28.32
N LEU A 145 6.30 -6.23 -27.08
CA LEU A 145 5.78 -7.57 -26.80
C LEU A 145 4.50 -7.84 -27.57
N LYS A 146 3.65 -6.82 -27.72
CA LYS A 146 2.43 -6.99 -28.50
C LYS A 146 2.73 -7.34 -29.95
N LYS A 147 3.78 -6.74 -30.53
CA LYS A 147 4.12 -7.05 -31.91
C LYS A 147 4.71 -8.45 -32.03
N ALA A 148 5.49 -8.87 -31.05
CA ALA A 148 6.08 -10.20 -31.08
C ALA A 148 5.13 -11.30 -30.68
N PHE A 149 4.05 -10.98 -29.96
CA PHE A 149 3.01 -11.95 -29.59
C PHE A 149 1.65 -11.34 -29.89
N PRO A 150 1.31 -11.15 -31.16
CA PRO A 150 0.08 -10.41 -31.49
C PRO A 150 -1.20 -11.15 -31.15
N GLU A 151 -1.15 -12.46 -30.91
CA GLU A 151 -2.36 -13.21 -30.56
C GLU A 151 -2.71 -13.12 -29.08
N VAL A 152 -1.90 -12.45 -28.27
CA VAL A 152 -2.13 -12.37 -26.83
C VAL A 152 -2.80 -11.02 -26.55
N ILE A 153 -4.12 -11.04 -26.47
CA ILE A 153 -4.90 -9.81 -26.31
C ILE A 153 -5.72 -9.77 -25.03
N SER A 154 -5.96 -10.89 -24.37
CA SER A 154 -6.83 -10.94 -23.20
C SER A 154 -6.13 -10.32 -21.99
N ARG A 155 -6.76 -9.30 -21.41
CA ARG A 155 -6.40 -8.78 -20.11
C ARG A 155 -7.43 -9.14 -19.05
N GLU A 156 -8.40 -9.99 -19.39
CA GLU A 156 -9.41 -10.40 -18.42
C GLU A 156 -8.78 -11.06 -17.21
N ARG A 157 -9.20 -10.63 -16.03
CA ARG A 157 -8.90 -11.32 -14.79
C ARG A 157 -10.02 -11.05 -13.81
N PRO A 158 -10.28 -11.96 -12.87
CA PRO A 158 -11.40 -11.76 -11.94
C PRO A 158 -11.14 -10.59 -11.01
N LEU A 159 -12.19 -9.79 -10.80
CA LEU A 159 -12.12 -8.70 -9.84
C LEU A 159 -12.06 -9.25 -8.41
N ILE A 160 -11.25 -8.61 -7.57
CA ILE A 160 -11.10 -9.01 -6.18
C ILE A 160 -12.20 -8.37 -5.34
N ASN A 161 -12.87 -9.18 -4.53
CA ASN A 161 -13.96 -8.75 -3.65
C ASN A 161 -13.69 -9.34 -2.27
N LYS A 162 -13.02 -8.57 -1.41
CA LYS A 162 -12.60 -9.05 -0.10
C LYS A 162 -12.93 -8.01 0.96
N ASN A 163 -13.24 -8.50 2.15
CA ASN A 163 -13.51 -7.66 3.31
C ASN A 163 -12.22 -7.35 4.04
N ILE A 164 -12.25 -6.24 4.79
CA ILE A 164 -11.11 -5.91 5.64
C ILE A 164 -10.95 -7.06 6.63
N PRO A 165 -9.80 -7.70 6.68
CA PRO A 165 -9.66 -8.89 7.53
C PRO A 165 -9.52 -8.55 9.01
N ASN A 166 -8.82 -7.47 9.34
CA ASN A 166 -8.67 -7.09 10.75
C ASN A 166 -8.01 -5.71 10.81
N GLY A 167 -7.90 -5.20 12.04
CA GLY A 167 -7.30 -3.90 12.26
C GLY A 167 -5.81 -3.87 12.00
N LYS A 168 -5.12 -5.01 12.15
CA LYS A 168 -3.71 -5.08 11.79
C LYS A 168 -3.52 -4.78 10.31
N TRP A 169 -4.35 -5.37 9.45
CA TRP A 169 -4.28 -5.05 8.03
C TRP A 169 -4.54 -3.58 7.80
N LEU A 170 -5.59 -3.04 8.42
CA LEU A 170 -5.94 -1.64 8.19
C LEU A 170 -4.80 -0.71 8.62
N ALA A 171 -4.06 -1.07 9.68
CA ALA A 171 -2.93 -0.25 10.09
C ALA A 171 -1.84 -0.22 9.03
N GLY A 172 -1.57 -1.36 8.40
CA GLY A 172 -0.58 -1.38 7.32
C GLY A 172 -1.06 -0.64 6.10
N PHE A 173 -2.29 -0.89 5.67
CA PHE A 173 -2.89 -0.16 4.57
C PHE A 173 -2.84 1.35 4.83
N THR A 174 -3.30 1.77 6.02
CA THR A 174 -3.34 3.19 6.33
C THR A 174 -1.95 3.78 6.43
N SER A 175 -0.98 3.02 6.96
CA SER A 175 0.40 3.51 7.00
C SER A 175 0.91 3.82 5.60
N GLY A 176 0.36 3.17 4.58
CA GLY A 176 0.75 3.48 3.23
C GLY A 176 -0.04 4.61 2.61
N ASP A 177 -1.36 4.44 2.50
CA ASP A 177 -2.20 5.35 1.73
C ASP A 177 -3.02 6.31 2.57
N GLY A 178 -2.86 6.30 3.89
CA GLY A 178 -3.64 7.17 4.75
C GLY A 178 -3.00 8.54 4.97
N SER A 179 -3.72 9.37 5.72
CA SER A 179 -3.21 10.69 6.07
C SER A 179 -3.90 11.15 7.34
N PHE A 180 -3.10 11.54 8.32
CA PHE A 180 -3.59 12.22 9.51
C PHE A 180 -3.06 13.65 9.46
N PHE A 181 -3.96 14.63 9.45
CA PHE A 181 -3.50 16.01 9.44
C PHE A 181 -4.40 16.88 10.28
N VAL A 182 -3.92 18.10 10.52
CA VAL A 182 -4.55 19.10 11.37
C VAL A 182 -4.81 20.34 10.54
N ARG A 183 -6.06 20.80 10.57
CA ARG A 183 -6.52 21.97 9.83
C ARG A 183 -6.71 23.14 10.77
N LEU A 184 -6.32 24.32 10.32
CA LEU A 184 -6.64 25.56 11.00
C LEU A 184 -7.32 26.48 10.00
N ARG A 185 -8.53 26.92 10.33
CA ARG A 185 -9.30 27.79 9.46
C ARG A 185 -9.67 29.08 10.20
N LYS A 186 -9.59 30.20 9.50
CA LYS A 186 -9.88 31.51 10.07
C LYS A 186 -11.17 32.04 9.46
N SER A 187 -12.19 32.21 10.30
CA SER A 187 -13.48 32.74 9.86
C SER A 187 -13.34 34.13 9.26
N ARG A 192 -11.77 34.27 14.51
CA ARG A 192 -11.37 33.18 15.40
C ARG A 192 -10.68 32.07 14.62
N VAL A 193 -9.58 31.56 15.15
CA VAL A 193 -8.79 30.53 14.49
C VAL A 193 -9.35 29.17 14.91
N ARG A 194 -9.85 28.41 13.93
CA ARG A 194 -10.53 27.14 14.16
C ARG A 194 -9.57 25.99 13.93
N VAL A 195 -9.71 24.93 14.73
CA VAL A 195 -8.92 23.72 14.59
C VAL A 195 -9.83 22.60 14.11
N GLN A 196 -9.27 21.70 13.30
CA GLN A 196 -10.04 20.56 12.80
C GLN A 196 -9.08 19.41 12.53
N LEU A 197 -9.35 18.27 13.16
CA LEU A 197 -8.65 17.03 12.87
C LEU A 197 -9.35 16.29 11.75
N VAL A 198 -8.58 15.77 10.81
CA VAL A 198 -9.14 15.04 9.67
C VAL A 198 -8.36 13.74 9.50
N PHE A 199 -9.07 12.71 9.03
CA PHE A 199 -8.48 11.43 8.67
C PHE A 199 -8.99 11.05 7.28
N GLU A 200 -8.07 10.76 6.37
CA GLU A 200 -8.45 10.46 4.99
C GLU A 200 -7.60 9.32 4.44
N ILE A 201 -8.22 8.48 3.62
CA ILE A 201 -7.54 7.52 2.77
C ILE A 201 -8.05 7.69 1.36
N SER A 202 -7.13 7.88 0.42
CA SER A 202 -7.47 7.94 -0.99
C SER A 202 -7.17 6.61 -1.66
N GLN A 203 -7.88 6.32 -2.73
CA GLN A 203 -7.66 5.07 -3.45
C GLN A 203 -8.34 5.15 -4.80
N HIS A 204 -7.73 4.48 -5.78
CA HIS A 204 -8.33 4.31 -7.09
C HIS A 204 -9.71 3.66 -6.95
N ILE A 205 -10.63 4.10 -7.81
CA ILE A 205 -12.00 3.59 -7.76
C ILE A 205 -12.11 2.09 -8.05
N ARG A 206 -11.06 1.45 -8.56
CA ARG A 206 -11.14 0.00 -8.78
C ARG A 206 -11.37 -0.75 -7.48
N ASP A 207 -11.14 -0.11 -6.34
CA ASP A 207 -11.42 -0.69 -5.04
C ASP A 207 -12.48 0.12 -4.30
N LYS A 208 -13.48 0.59 -5.04
CA LYS A 208 -14.57 1.35 -4.43
C LYS A 208 -15.34 0.54 -3.40
N ASN A 209 -15.51 -0.77 -3.63
CA ASN A 209 -16.20 -1.59 -2.64
C ASN A 209 -15.45 -1.62 -1.32
N LEU A 210 -14.13 -1.80 -1.38
CA LEU A 210 -13.33 -1.90 -0.16
C LEU A 210 -13.36 -0.59 0.61
N MET A 211 -13.21 0.54 -0.09
CA MET A 211 -13.22 1.85 0.56
C MET A 211 -14.60 2.16 1.14
N ASN A 212 -15.66 1.82 0.40
CA ASN A 212 -17.02 1.92 0.93
C ASN A 212 -17.16 1.18 2.26
N SER A 213 -16.55 0.00 2.36
CA SER A 213 -16.72 -0.83 3.54
C SER A 213 -16.05 -0.23 4.77
N LEU A 214 -15.13 0.72 4.59
CA LEU A 214 -14.53 1.37 5.75
C LEU A 214 -15.59 2.07 6.60
N ILE A 215 -16.62 2.62 5.97
CA ILE A 215 -17.69 3.29 6.71
C ILE A 215 -18.37 2.33 7.67
N THR A 216 -18.68 1.12 7.19
CA THR A 216 -19.26 0.09 8.05
C THR A 216 -18.25 -0.39 9.09
N TYR A 217 -17.02 -0.68 8.65
CA TYR A 217 -16.03 -1.26 9.53
C TYR A 217 -15.61 -0.30 10.63
N LEU A 218 -15.58 1.01 10.34
CA LEU A 218 -15.23 2.00 11.34
C LEU A 218 -16.44 2.68 11.96
N GLY A 219 -17.63 2.46 11.42
CA GLY A 219 -18.82 3.10 11.94
C GLY A 219 -18.82 4.61 11.84
N CYS A 220 -18.15 5.17 10.84
CA CYS A 220 -18.11 6.62 10.65
C CYS A 220 -17.52 6.92 9.28
N GLY A 221 -17.60 8.20 8.90
CA GLY A 221 -16.89 8.69 7.72
C GLY A 221 -17.78 8.79 6.51
N HIS A 222 -17.15 9.19 5.40
CA HIS A 222 -17.85 9.48 4.15
C HIS A 222 -16.96 9.14 2.96
N ILE A 223 -17.61 8.76 1.87
CA ILE A 223 -16.94 8.48 0.60
C ILE A 223 -17.20 9.66 -0.35
N TYR A 224 -16.14 10.31 -0.80
CA TYR A 224 -16.23 11.40 -1.76
C TYR A 224 -15.53 11.00 -3.06
N GLU A 225 -16.15 11.37 -4.19
CA GLU A 225 -15.69 10.94 -5.51
C GLU A 225 -15.41 12.07 -6.48
N GLY A 226 -16.03 13.23 -6.32
CA GLY A 226 -15.88 14.31 -7.27
C GLY A 226 -16.74 14.13 -8.51
N ASN A 227 -16.96 15.25 -9.21
CA ASN A 227 -17.67 15.25 -10.49
C ASN A 227 -16.76 15.69 -11.63
N LYS A 228 -15.63 15.02 -11.78
CA LYS A 228 -14.64 15.39 -12.80
C LYS A 228 -14.56 14.31 -13.86
N ARG A 231 -13.18 11.30 -12.32
CA ARG A 231 -12.02 11.29 -11.42
C ARG A 231 -11.74 9.86 -10.99
N SER A 232 -10.53 9.37 -11.30
CA SER A 232 -10.22 7.95 -11.18
C SER A 232 -9.92 7.51 -9.75
N TRP A 233 -10.01 8.39 -8.76
CA TRP A 233 -9.70 8.03 -7.38
C TRP A 233 -10.70 8.71 -6.45
N LEU A 234 -11.03 8.04 -5.35
CA LEU A 234 -11.97 8.57 -4.37
C LEU A 234 -11.31 8.63 -2.99
N GLN A 235 -12.05 9.19 -2.03
CA GLN A 235 -11.55 9.41 -0.68
C GLN A 235 -12.54 8.89 0.36
N PHE A 236 -12.04 8.15 1.32
CA PHE A 236 -12.76 7.90 2.58
C PHE A 236 -12.23 8.89 3.60
N ARG A 237 -13.13 9.60 4.28
CA ARG A 237 -12.71 10.66 5.16
C ARG A 237 -13.57 10.67 6.41
N VAL A 238 -12.95 11.02 7.53
CA VAL A 238 -13.64 11.26 8.80
C VAL A 238 -13.32 12.67 9.25
N GLU A 239 -14.36 13.49 9.43
CA GLU A 239 -14.20 14.87 9.86
C GLU A 239 -14.89 15.20 11.18
N LYS A 240 -15.89 14.42 11.59
CA LYS A 240 -16.51 14.60 12.90
C LYS A 240 -15.49 14.26 13.99
N PHE A 241 -15.34 15.17 14.96
CA PHE A 241 -14.31 14.98 15.98
C PHE A 241 -14.61 13.77 16.87
N SER A 242 -15.85 13.64 17.33
CA SER A 242 -16.17 12.54 18.22
C SER A 242 -16.00 11.19 17.55
N ASP A 243 -16.21 11.13 16.23
CA ASP A 243 -15.86 9.93 15.50
C ASP A 243 -14.35 9.71 15.46
N ILE A 244 -13.60 10.80 15.29
CA ILE A 244 -12.15 10.69 15.33
C ILE A 244 -11.69 10.31 16.73
N ASN A 245 -12.30 10.91 17.75
CA ASN A 245 -11.85 10.64 19.11
C ASN A 245 -12.30 9.26 19.60
N ASP A 246 -13.54 8.88 19.32
CA ASP A 246 -14.09 7.65 19.91
C ASP A 246 -13.92 6.42 19.03
N LYS A 247 -13.66 6.59 17.74
CA LYS A 247 -13.59 5.46 16.82
C LYS A 247 -12.25 5.36 16.09
N ILE A 248 -11.75 6.46 15.53
CA ILE A 248 -10.53 6.37 14.73
C ILE A 248 -9.31 6.19 15.64
N ILE A 249 -9.17 7.06 16.65
CA ILE A 249 -8.00 6.97 17.53
C ILE A 249 -7.89 5.64 18.24
N PRO A 250 -8.96 5.06 18.82
CA PRO A 250 -8.82 3.74 19.44
C PRO A 250 -8.40 2.64 18.47
N VAL A 251 -8.81 2.72 17.21
CA VAL A 251 -8.53 1.63 16.27
C VAL A 251 -7.02 1.52 16.01
N PHE A 252 -6.34 2.66 15.87
CA PHE A 252 -4.91 2.62 15.62
C PHE A 252 -4.08 2.63 16.90
N GLN A 253 -4.70 2.87 18.05
CA GLN A 253 -4.04 2.54 19.31
C GLN A 253 -3.95 1.03 19.48
N GLU A 254 -5.00 0.30 19.08
CA GLU A 254 -4.95 -1.16 19.16
C GLU A 254 -4.06 -1.75 18.07
N ASN A 255 -3.99 -1.11 16.91
CA ASN A 255 -3.26 -1.63 15.76
C ASN A 255 -2.23 -0.59 15.32
N THR A 256 -0.97 -0.81 15.68
CA THR A 256 0.04 0.23 15.58
C THR A 256 0.40 0.51 14.12
N LEU A 257 0.46 1.79 13.77
CA LEU A 257 0.95 2.20 12.46
C LEU A 257 2.47 2.07 12.42
N ILE A 258 3.01 2.07 11.20
CA ILE A 258 4.44 1.96 10.98
C ILE A 258 4.95 3.18 10.22
N GLY A 259 6.25 3.38 10.27
CA GLY A 259 6.88 4.48 9.55
C GLY A 259 6.54 5.84 10.13
N MET A 260 6.79 6.87 9.32
CA MET A 260 6.57 8.25 9.75
C MET A 260 5.12 8.53 10.09
N LYS A 261 4.17 7.81 9.48
CA LYS A 261 2.77 8.08 9.76
C LYS A 261 2.38 7.76 11.19
N LEU A 262 3.10 6.85 11.86
CA LEU A 262 2.86 6.65 13.28
C LEU A 262 3.20 7.91 14.07
N GLU A 263 4.28 8.60 13.68
CA GLU A 263 4.64 9.86 14.32
C GLU A 263 3.57 10.91 14.09
N ASP A 264 3.07 11.01 12.85
CA ASP A 264 1.93 11.88 12.56
C ASP A 264 0.76 11.56 13.49
N PHE A 265 0.47 10.27 13.67
CA PHE A 265 -0.65 9.86 14.51
C PHE A 265 -0.44 10.29 15.95
N GLU A 266 0.75 10.05 16.50
CA GLU A 266 1.05 10.45 17.86
C GLU A 266 0.91 11.96 18.04
N ASP A 267 1.45 12.74 17.10
CA ASP A 267 1.22 14.18 17.13
C ASP A 267 -0.27 14.48 17.03
N TRP A 268 -0.94 13.81 16.08
CA TRP A 268 -2.38 13.99 15.85
C TRP A 268 -3.18 13.79 17.14
N CYS A 269 -2.94 12.69 17.84
CA CYS A 269 -3.69 12.41 19.06
C CYS A 269 -3.43 13.45 20.14
N LYS A 270 -2.21 13.99 20.21
CA LYS A 270 -1.95 15.06 21.17
C LYS A 270 -2.88 16.24 20.94
N VAL A 271 -3.17 16.56 19.67
CA VAL A 271 -4.13 17.61 19.38
C VAL A 271 -5.53 17.19 19.80
N ALA A 272 -5.86 15.91 19.62
CA ALA A 272 -7.19 15.42 19.99
C ALA A 272 -7.40 15.51 21.50
N LYS A 273 -6.36 15.20 22.28
CA LYS A 273 -6.46 15.37 23.73
C LYS A 273 -6.73 16.82 24.10
N LEU A 274 -6.03 17.76 23.45
CA LEU A 274 -6.23 19.18 23.74
C LEU A 274 -7.67 19.60 23.44
N ILE A 275 -8.18 19.26 22.26
CA ILE A 275 -9.53 19.62 21.86
C ILE A 275 -10.57 18.89 22.71
N GLU A 276 -10.24 17.67 23.17
CA GLU A 276 -11.18 16.94 24.02
C GLU A 276 -11.40 17.65 25.35
N GLU A 277 -10.34 18.22 25.92
CA GLU A 277 -10.42 18.99 27.15
C GLU A 277 -10.96 20.40 26.95
N LYS A 278 -11.55 20.69 25.78
CA LYS A 278 -11.95 22.03 25.35
C LYS A 278 -10.82 23.05 25.43
N LYS A 279 -9.59 22.60 25.71
CA LYS A 279 -8.43 23.45 25.92
C LYS A 279 -7.86 24.01 24.63
N HIS A 280 -8.51 23.77 23.48
CA HIS A 280 -8.12 24.43 22.25
C HIS A 280 -8.70 25.82 22.12
N LEU A 281 -9.79 26.10 22.83
CA LEU A 281 -10.34 27.46 22.86
C LEU A 281 -9.39 28.42 23.55
N THR A 282 -8.64 27.94 24.55
CA THR A 282 -7.66 28.78 25.22
C THR A 282 -6.59 29.23 24.23
N GLU A 283 -6.31 30.54 24.23
CA GLU A 283 -5.25 31.07 23.39
C GLU A 283 -3.92 30.37 23.65
N SER A 284 -3.72 29.91 24.88
CA SER A 284 -2.52 29.13 25.19
C SER A 284 -2.63 27.71 24.63
N GLY A 285 -3.82 27.13 24.68
CA GLY A 285 -4.01 25.79 24.13
C GLY A 285 -3.90 25.77 22.62
N LEU A 286 -4.42 26.79 21.94
CA LEU A 286 -4.29 26.87 20.49
C LEU A 286 -2.82 27.02 20.09
N ASP A 287 -2.05 27.76 20.90
CA ASP A 287 -0.65 28.01 20.54
C ASP A 287 0.18 26.73 20.59
N GLU A 288 -0.19 25.77 21.45
CA GLU A 288 0.50 24.49 21.42
C GLU A 288 0.09 23.68 20.19
N ILE A 289 -1.18 23.80 19.78
CA ILE A 289 -1.64 23.13 18.56
C ILE A 289 -0.84 23.59 17.35
N LYS A 290 -0.60 24.90 17.25
CA LYS A 290 0.21 25.41 16.15
C LYS A 290 1.62 24.84 16.19
N LYS A 291 2.16 24.64 17.40
CA LYS A 291 3.51 24.08 17.53
C LYS A 291 3.56 22.63 17.08
N ILE A 292 2.61 21.81 17.53
CA ILE A 292 2.56 20.41 17.12
C ILE A 292 2.42 20.31 15.60
N LYS A 293 1.56 21.16 15.02
CA LYS A 293 1.37 21.10 13.58
C LYS A 293 2.64 21.47 12.83
N LEU A 294 3.33 22.53 13.27
CA LEU A 294 4.60 22.88 12.66
C LEU A 294 5.61 21.75 12.80
N ASN A 295 5.47 20.92 13.82
CA ASN A 295 6.38 19.77 13.96
C ASN A 295 6.03 18.68 12.97
N MET A 296 4.73 18.45 12.72
CA MET A 296 4.32 17.44 11.75
C MET A 296 4.85 17.76 10.36
N ASN A 297 4.97 19.06 10.03
CA ASN A 297 5.59 19.47 8.77
C ASN A 297 7.09 19.23 8.89
N LYS A 298 7.48 17.97 8.70
CA LYS A 298 8.86 17.53 8.82
C LYS A 298 9.03 16.12 8.27
CA CA D . -1.68 2.66 -2.90
CA CA E . 2.63 6.31 1.31
CL CL F . -3.94 -0.17 -13.06
CL CL G . 1.50 -15.05 -30.95
CL CL H . 14.25 -3.59 -9.14
NA NA I . -19.36 10.01 17.14
NA NA J . -5.64 11.63 1.54
NA NA K . 3.09 10.93 6.27
NA NA L . 14.32 -1.20 -7.30
NA NA M . -2.74 2.31 -11.92
#